data_5KM5
#
_entry.id   5KM5
#
_cell.length_a   38.129
_cell.length_b   76.045
_cell.length_c   77.821
_cell.angle_alpha   90.000
_cell.angle_beta   90.000
_cell.angle_gamma   90.000
#
_symmetry.space_group_name_H-M   'P 21 21 21'
#
loop_
_entity.id
_entity.type
_entity.pdbx_description
1 polymer 'Histidine triad nucleotide-binding protein 2, mitochondrial'
2 non-polymer 'CHLORIDE ION'
3 non-polymer 'TETRAETHYLENE GLYCOL'
4 non-polymer 5-methyl-1-(5-O-phosphono-beta-D-ribofuranosyl)-1,5-dihydro-1,4,5,6,8-pentaazaacenaphthylen-3-amine
5 water water
#
_entity_poly.entity_id   1
_entity_poly.type   'polypeptide(L)'
_entity_poly.pdbx_seq_one_letter_code
;SNAMGQVRGAAGVTDGNEVAKAQQATPGGAAPTIFSRILDKSLPADILYEDQQCLVFRDVAPQAPVHFLVIPKKPIPRIS
QAEEEDQQLLGHLLLVAKQTAKAEGLGDGYRLVINDGKLGAQSVYHLHIHVLGGRQLQWPPG
;
_entity_poly.pdbx_strand_id   A,B
#
# COMPACT_ATOMS: atom_id res chain seq x y z
N SER A 42 -9.31 -9.16 23.12
CA SER A 42 -9.11 -9.95 21.90
C SER A 42 -9.01 -11.45 22.21
N LEU A 43 -9.60 -12.28 21.34
CA LEU A 43 -9.61 -13.74 21.53
C LEU A 43 -8.65 -14.42 20.52
N PRO A 44 -8.24 -15.66 20.78
CA PRO A 44 -7.35 -16.34 19.82
C PRO A 44 -7.91 -16.39 18.39
N ALA A 45 -9.22 -16.52 18.26
CA ALA A 45 -9.86 -16.52 16.95
C ALA A 45 -9.73 -15.17 16.20
N ASP A 46 -9.32 -14.13 16.91
CA ASP A 46 -9.05 -12.84 16.26
C ASP A 46 -7.74 -12.86 15.48
N ILE A 47 -6.96 -13.93 15.62
CA ILE A 47 -5.87 -14.19 14.68
C ILE A 47 -6.43 -14.93 13.47
N LEU A 48 -6.46 -14.26 12.33
CA LEU A 48 -7.15 -14.78 11.15
C LEU A 48 -6.27 -15.73 10.37
N TYR A 49 -4.95 -15.55 10.50
CA TYR A 49 -3.97 -16.30 9.71
C TYR A 49 -2.60 -16.15 10.35
N GLU A 50 -1.79 -17.20 10.27
CA GLU A 50 -0.40 -17.16 10.75
C GLU A 50 0.47 -18.12 9.96
N ASP A 51 1.71 -17.75 9.66
CA ASP A 51 2.70 -18.69 9.14
C ASP A 51 4.06 -18.35 9.72
N GLN A 52 5.11 -18.88 9.13
CA GLN A 52 6.46 -18.67 9.63
C GLN A 52 6.90 -17.22 9.50
N GLN A 53 6.22 -16.47 8.64
CA GLN A 53 6.67 -15.11 8.33
C GLN A 53 5.81 -13.98 8.87
N CYS A 54 4.55 -14.26 9.19
CA CYS A 54 3.61 -13.19 9.52
C CYS A 54 2.38 -13.62 10.30
N LEU A 55 1.66 -12.64 10.83
CA LEU A 55 0.38 -12.81 11.52
C LEU A 55 -0.64 -11.81 11.03
N VAL A 56 -1.89 -12.22 10.99
CA VAL A 56 -3.00 -11.35 10.60
C VAL A 56 -4.03 -11.32 11.72
N PHE A 57 -4.36 -10.14 12.24
CA PHE A 57 -5.35 -10.07 13.33
C PHE A 57 -6.30 -8.88 13.23
N ARG A 58 -7.46 -9.01 13.87
CA ARG A 58 -8.47 -7.96 13.84
C ARG A 58 -8.02 -6.75 14.60
N ASP A 59 -8.33 -5.58 14.07
CA ASP A 59 -8.08 -4.33 14.78
C ASP A 59 -9.20 -4.10 15.80
N VAL A 60 -8.85 -3.97 17.07
CA VAL A 60 -9.87 -3.79 18.11
C VAL A 60 -10.37 -2.35 18.19
N ALA A 61 -9.77 -1.47 17.38
CA ALA A 61 -10.35 -0.14 17.18
C ALA A 61 -10.66 0.10 15.69
N PRO A 62 -11.63 -0.65 15.14
CA PRO A 62 -11.88 -0.69 13.69
C PRO A 62 -12.37 0.63 13.12
N GLN A 63 -11.94 0.98 11.92
CA GLN A 63 -12.37 2.21 11.26
C GLN A 63 -13.28 1.89 10.08
N ALA A 64 -13.69 0.64 9.98
CA ALA A 64 -14.58 0.15 8.92
C ALA A 64 -15.21 -1.14 9.44
N PRO A 65 -16.32 -1.58 8.83
CA PRO A 65 -16.95 -2.86 9.23
C PRO A 65 -15.96 -4.04 9.20
N VAL A 66 -15.07 -4.07 8.21
CA VAL A 66 -13.98 -5.03 8.22
C VAL A 66 -12.67 -4.26 8.35
N HIS A 67 -11.86 -4.60 9.35
CA HIS A 67 -10.59 -3.90 9.57
C HIS A 67 -9.62 -4.82 10.27
N PHE A 68 -8.62 -5.28 9.53
CA PHE A 68 -7.60 -6.11 10.14
C PHE A 68 -6.17 -5.66 9.81
N LEU A 69 -5.22 -6.35 10.44
CA LEU A 69 -3.81 -5.94 10.45
C LEU A 69 -2.89 -7.10 10.06
N VAL A 70 -2.01 -6.86 9.09
CA VAL A 70 -0.98 -7.83 8.75
C VAL A 70 0.38 -7.36 9.30
N ILE A 71 1.03 -8.18 10.11
CA ILE A 71 2.37 -7.82 10.58
C ILE A 71 3.37 -8.92 10.26
N PRO A 72 4.64 -8.55 10.02
CA PRO A 72 5.75 -9.53 10.01
C PRO A 72 6.09 -9.98 11.42
N LYS A 73 6.59 -11.20 11.55
CA LYS A 73 7.11 -11.68 12.82
C LYS A 73 8.44 -10.99 13.11
N LYS A 74 9.22 -10.75 12.05
CA LYS A 74 10.43 -9.94 12.15
C LYS A 74 10.10 -8.50 12.51
N PRO A 75 10.68 -7.99 13.60
CA PRO A 75 10.27 -6.66 14.09
C PRO A 75 10.84 -5.46 13.34
N ILE A 76 10.55 -5.37 12.05
CA ILE A 76 10.77 -4.13 11.32
C ILE A 76 9.91 -3.02 11.98
N PRO A 77 10.57 -1.99 12.54
CA PRO A 77 9.83 -0.98 13.29
C PRO A 77 9.01 -0.01 12.40
N ARG A 78 9.50 0.29 11.20
CA ARG A 78 8.83 1.20 10.26
C ARG A 78 9.15 0.79 8.84
N ILE A 79 8.27 1.08 7.90
CA ILE A 79 8.53 0.73 6.51
C ILE A 79 9.76 1.49 6.00
N SER A 80 9.99 2.69 6.52
CA SER A 80 11.16 3.47 6.13
C SER A 80 12.47 2.81 6.57
N GLN A 81 12.38 1.79 7.40
CA GLN A 81 13.57 1.12 7.90
C GLN A 81 13.68 -0.33 7.40
N ALA A 82 12.77 -0.73 6.50
CA ALA A 82 12.95 -1.99 5.79
C ALA A 82 14.17 -1.88 4.90
N GLU A 83 14.84 -3.01 4.65
CA GLU A 83 15.99 -3.00 3.75
C GLU A 83 15.81 -4.00 2.63
N GLU A 84 16.77 -4.04 1.70
CA GLU A 84 16.66 -4.87 0.49
C GLU A 84 16.42 -6.34 0.79
N GLU A 85 16.99 -6.84 1.87
CA GLU A 85 16.83 -8.24 2.28
C GLU A 85 15.39 -8.58 2.63
N ASP A 86 14.59 -7.56 2.91
CA ASP A 86 13.19 -7.75 3.27
C ASP A 86 12.26 -7.88 2.07
N GLN A 87 12.81 -7.83 0.85
CA GLN A 87 11.99 -7.79 -0.35
C GLN A 87 10.95 -8.91 -0.47
N GLN A 88 11.36 -10.17 -0.33
CA GLN A 88 10.40 -11.28 -0.42
C GLN A 88 9.35 -11.20 0.70
N LEU A 89 9.80 -10.91 1.91
CA LEU A 89 8.89 -10.76 3.06
C LEU A 89 7.82 -9.69 2.81
N LEU A 90 8.25 -8.53 2.33
CA LEU A 90 7.34 -7.44 2.03
C LEU A 90 6.31 -7.85 0.96
N GLY A 91 6.77 -8.52 -0.09
CA GLY A 91 5.88 -9.07 -1.10
C GLY A 91 4.91 -10.05 -0.47
N HIS A 92 5.43 -10.94 0.37
CA HIS A 92 4.57 -11.90 1.07
C HIS A 92 3.46 -11.24 1.90
N LEU A 93 3.78 -10.15 2.59
CA LEU A 93 2.78 -9.45 3.41
C LEU A 93 1.62 -8.92 2.56
N LEU A 94 1.92 -8.41 1.38
CA LEU A 94 0.88 -7.87 0.50
C LEU A 94 -0.02 -8.95 -0.09
N LEU A 95 0.56 -10.09 -0.41
CA LEU A 95 -0.21 -11.23 -0.93
C LEU A 95 -1.14 -11.79 0.14
N VAL A 96 -0.66 -11.80 1.37
CA VAL A 96 -1.44 -12.29 2.50
C VAL A 96 -2.57 -11.33 2.83
N ALA A 97 -2.28 -10.04 2.74
CA ALA A 97 -3.30 -9.02 2.87
C ALA A 97 -4.41 -9.25 1.84
N LYS A 98 -4.00 -9.43 0.57
CA LYS A 98 -4.94 -9.66 -0.53
C LYS A 98 -5.76 -10.94 -0.36
N GLN A 99 -5.12 -12.03 0.06
CA GLN A 99 -5.84 -13.29 0.30
C GLN A 99 -6.82 -13.18 1.47
N THR A 100 -6.38 -12.54 2.55
CA THR A 100 -7.26 -12.39 3.71
C THR A 100 -8.45 -11.49 3.38
N ALA A 101 -8.23 -10.48 2.56
CA ALA A 101 -9.33 -9.62 2.12
C ALA A 101 -10.39 -10.43 1.37
N LYS A 102 -9.93 -11.38 0.56
CA LYS A 102 -10.84 -12.20 -0.23
C LYS A 102 -11.60 -13.11 0.73
N ALA A 103 -10.86 -13.76 1.62
CA ALA A 103 -11.46 -14.63 2.63
C ALA A 103 -12.44 -13.92 3.57
N GLU A 104 -12.28 -12.60 3.72
CA GLU A 104 -13.18 -11.84 4.60
C GLU A 104 -14.32 -11.16 3.86
N GLY A 105 -14.49 -11.45 2.57
CA GLY A 105 -15.67 -11.00 1.86
C GLY A 105 -15.57 -9.61 1.26
N LEU A 106 -14.34 -9.15 1.05
CA LEU A 106 -14.09 -7.81 0.55
C LEU A 106 -14.03 -7.77 -0.97
N GLY A 107 -14.91 -8.52 -1.61
CA GLY A 107 -14.92 -8.61 -3.06
C GLY A 107 -15.32 -7.33 -3.79
N ASP A 108 -16.11 -6.48 -3.15
CA ASP A 108 -16.52 -5.22 -3.76
C ASP A 108 -15.49 -4.09 -3.58
N GLY A 109 -14.42 -4.36 -2.85
CA GLY A 109 -13.33 -3.40 -2.75
C GLY A 109 -12.83 -3.12 -1.34
N TYR A 110 -11.60 -2.61 -1.26
CA TYR A 110 -10.97 -2.40 0.04
C TYR A 110 -9.74 -1.50 -0.11
N ARG A 111 -9.15 -1.12 1.02
CA ARG A 111 -8.00 -0.23 1.01
C ARG A 111 -6.89 -0.82 1.89
N LEU A 112 -5.66 -0.80 1.41
CA LEU A 112 -4.50 -1.16 2.22
C LEU A 112 -3.75 0.09 2.60
N VAL A 113 -3.33 0.18 3.86
CA VAL A 113 -2.66 1.38 4.35
C VAL A 113 -1.42 1.01 5.15
N ILE A 114 -0.31 1.69 4.87
CA ILE A 114 0.84 1.62 5.76
C ILE A 114 1.22 3.01 6.24
N ASN A 115 1.32 3.19 7.55
CA ASN A 115 1.70 4.48 8.16
C ASN A 115 3.15 4.50 8.59
N ASP A 116 3.85 5.59 8.28
CA ASP A 116 5.21 5.76 8.76
C ASP A 116 5.39 7.03 9.58
N GLY A 117 5.93 6.89 10.80
CA GLY A 117 6.26 8.06 11.62
C GLY A 117 5.07 8.88 12.09
N LYS A 118 5.36 10.09 12.58
CA LYS A 118 4.36 10.94 13.22
C LYS A 118 3.35 11.46 12.21
N LEU A 119 3.87 11.99 11.11
CA LEU A 119 3.06 12.49 10.00
C LEU A 119 2.18 11.41 9.36
N GLY A 120 2.64 10.16 9.37
CA GLY A 120 1.82 9.06 8.89
C GLY A 120 0.75 8.63 9.88
N ALA A 121 0.86 9.16 11.10
CA ALA A 121 0.04 8.74 12.25
C ALA A 121 0.29 7.28 12.62
N GLN A 122 1.53 6.82 12.48
CA GLN A 122 1.88 5.45 12.89
C GLN A 122 1.69 5.31 14.40
N SER A 123 0.92 4.30 14.83
CA SER A 123 0.54 4.20 16.24
C SER A 123 1.35 3.19 17.05
N VAL A 124 2.07 2.31 16.36
CA VAL A 124 2.91 1.31 17.02
C VAL A 124 4.14 1.14 16.14
N TYR A 125 5.34 1.16 16.74
CA TYR A 125 6.55 1.07 15.93
C TYR A 125 6.91 -0.38 15.65
N HIS A 126 6.04 -1.00 14.87
CA HIS A 126 6.22 -2.32 14.27
C HIS A 126 5.40 -2.21 12.98
N LEU A 127 5.95 -2.70 11.88
CA LEU A 127 5.29 -2.61 10.58
C LEU A 127 3.89 -3.25 10.58
N HIS A 128 2.87 -2.48 10.20
CA HIS A 128 1.48 -2.95 10.06
C HIS A 128 0.94 -2.66 8.67
N ILE A 129 0.36 -3.65 8.00
CA ILE A 129 -0.53 -3.29 6.90
C ILE A 129 -1.99 -3.32 7.38
N HIS A 130 -2.66 -2.16 7.32
CA HIS A 130 -4.10 -2.08 7.56
C HIS A 130 -4.86 -2.53 6.32
N VAL A 131 -5.85 -3.41 6.52
CA VAL A 131 -6.85 -3.69 5.49
C VAL A 131 -8.25 -3.27 5.95
N LEU A 132 -8.85 -2.33 5.22
CA LEU A 132 -10.17 -1.82 5.57
C LEU A 132 -11.16 -2.05 4.43
N GLY A 133 -12.35 -2.52 4.76
CA GLY A 133 -13.37 -2.78 3.74
C GLY A 133 -14.78 -2.79 4.35
N GLY A 134 -15.77 -3.13 3.53
CA GLY A 134 -17.13 -3.24 4.03
C GLY A 134 -17.90 -1.93 4.07
N ARG A 135 -17.25 -0.85 3.67
CA ARG A 135 -17.93 0.44 3.46
C ARG A 135 -17.20 1.20 2.36
N GLN A 136 -17.82 2.27 1.86
CA GLN A 136 -17.17 3.13 0.90
C GLN A 136 -16.02 3.92 1.53
N LEU A 137 -14.80 3.62 1.12
CA LEU A 137 -13.64 4.40 1.52
C LEU A 137 -13.65 5.77 0.83
N GLN A 138 -13.22 6.81 1.54
CA GLN A 138 -13.29 8.17 1.02
C GLN A 138 -11.97 8.62 0.44
N TRP A 139 -11.95 9.81 -0.14
CA TRP A 139 -10.72 10.36 -0.72
C TRP A 139 -10.69 11.87 -0.45
N PRO A 140 -9.58 12.40 0.08
CA PRO A 140 -8.25 11.82 0.33
C PRO A 140 -8.21 10.78 1.46
N PRO A 141 -7.14 9.96 1.52
CA PRO A 141 -7.07 8.92 2.55
C PRO A 141 -6.48 9.44 3.87
N GLY A 142 -7.15 10.40 4.49
CA GLY A 142 -6.55 11.09 5.63
C GLY A 142 -5.74 12.32 5.21
N ALA B 31 -5.14 -0.66 -24.84
CA ALA B 31 -4.45 -0.28 -23.61
C ALA B 31 -5.47 -0.01 -22.49
N PRO B 32 -5.29 -0.68 -21.35
CA PRO B 32 -6.31 -0.63 -20.31
C PRO B 32 -6.49 0.76 -19.66
N THR B 33 -5.41 1.51 -19.43
CA THR B 33 -5.55 2.81 -18.75
C THR B 33 -4.60 3.91 -19.24
N ILE B 34 -4.79 5.10 -18.70
CA ILE B 34 -3.97 6.23 -19.08
C ILE B 34 -2.53 6.01 -18.60
N PHE B 35 -2.33 5.13 -17.61
CA PHE B 35 -0.98 4.86 -17.13
C PHE B 35 -0.13 4.15 -18.20
N SER B 36 -0.78 3.47 -19.14
CA SER B 36 -0.08 2.91 -20.30
C SER B 36 0.61 3.99 -21.15
N ARG B 37 0.02 5.18 -21.20
CA ARG B 37 0.61 6.29 -21.96
C ARG B 37 1.80 6.90 -21.22
N ILE B 38 1.72 6.91 -19.89
CA ILE B 38 2.84 7.38 -19.08
C ILE B 38 4.01 6.40 -19.20
N LEU B 39 3.72 5.11 -19.12
CA LEU B 39 4.75 4.09 -19.28
C LEU B 39 5.40 4.10 -20.66
N ASP B 40 4.62 4.25 -21.74
CA ASP B 40 5.25 4.27 -23.07
C ASP B 40 5.75 5.66 -23.44
N LYS B 41 5.64 6.61 -22.50
CA LYS B 41 6.19 7.96 -22.66
C LYS B 41 5.51 8.84 -23.70
N SER B 42 4.33 8.43 -24.19
CA SER B 42 3.57 9.30 -25.11
C SER B 42 2.85 10.41 -24.34
N LEU B 43 2.77 10.27 -23.03
CA LEU B 43 2.18 11.31 -22.20
C LEU B 43 3.22 11.72 -21.16
N PRO B 44 3.73 12.95 -21.27
CA PRO B 44 4.85 13.40 -20.41
C PRO B 44 4.43 13.51 -18.95
N ALA B 45 5.17 12.85 -18.06
CA ALA B 45 4.89 12.89 -16.64
C ALA B 45 6.11 13.37 -15.86
N ASP B 46 5.90 13.82 -14.63
CA ASP B 46 7.03 14.13 -13.74
C ASP B 46 7.58 12.85 -13.10
N ILE B 47 8.56 12.23 -13.76
CA ILE B 47 9.12 10.95 -13.37
C ILE B 47 10.21 11.10 -12.32
N LEU B 48 10.10 10.33 -11.24
CA LEU B 48 11.05 10.43 -10.12
C LEU B 48 12.04 9.28 -10.14
N TYR B 49 11.62 8.15 -10.71
CA TYR B 49 12.45 6.96 -10.69
C TYR B 49 11.93 5.98 -11.72
N GLU B 50 12.84 5.24 -12.35
CA GLU B 50 12.47 4.19 -13.29
C GLU B 50 13.50 3.06 -13.28
N ASP B 51 13.03 1.83 -13.42
CA ASP B 51 13.90 0.71 -13.73
C ASP B 51 13.11 -0.27 -14.57
N GLN B 52 13.63 -1.47 -14.79
CA GLN B 52 12.95 -2.38 -15.69
C GLN B 52 11.64 -2.93 -15.15
N GLN B 53 11.44 -2.86 -13.85
CA GLN B 53 10.21 -3.43 -13.28
C GLN B 53 9.16 -2.41 -12.86
N CYS B 54 9.52 -1.13 -12.81
CA CYS B 54 8.54 -0.12 -12.38
C CYS B 54 8.85 1.33 -12.78
N LEU B 55 7.91 2.21 -12.47
CA LEU B 55 8.01 3.64 -12.78
C LEU B 55 7.39 4.43 -11.62
N VAL B 56 7.99 5.57 -11.29
CA VAL B 56 7.48 6.43 -10.22
C VAL B 56 7.26 7.83 -10.76
N PHE B 57 6.09 8.40 -10.52
CA PHE B 57 5.81 9.75 -11.02
C PHE B 57 4.85 10.47 -10.09
N ARG B 58 4.87 11.80 -10.15
CA ARG B 58 3.98 12.60 -9.30
C ARG B 58 2.55 12.52 -9.74
N ASP B 59 1.65 12.48 -8.76
CA ASP B 59 0.21 12.56 -9.00
C ASP B 59 -0.16 13.93 -9.56
N VAL B 60 -0.99 14.00 -10.61
CA VAL B 60 -1.40 15.29 -11.16
C VAL B 60 -2.48 15.98 -10.34
N ALA B 61 -3.06 15.27 -9.39
CA ALA B 61 -4.00 15.89 -8.44
C ALA B 61 -3.60 15.55 -7.02
N PRO B 62 -2.51 16.17 -6.54
CA PRO B 62 -1.90 15.76 -5.26
C PRO B 62 -2.77 16.07 -4.06
N GLN B 63 -2.83 15.13 -3.11
CA GLN B 63 -3.64 15.31 -1.91
C GLN B 63 -2.75 15.63 -0.72
N ALA B 64 -1.49 15.92 -0.99
CA ALA B 64 -0.51 16.31 0.03
C ALA B 64 0.63 17.04 -0.67
N PRO B 65 1.45 17.80 0.08
CA PRO B 65 2.56 18.53 -0.56
C PRO B 65 3.50 17.62 -1.37
N VAL B 66 3.69 16.39 -0.92
CA VAL B 66 4.33 15.37 -1.74
C VAL B 66 3.33 14.24 -1.93
N HIS B 67 3.06 13.90 -3.18
CA HIS B 67 2.18 12.79 -3.53
C HIS B 67 2.63 12.21 -4.86
N PHE B 68 3.20 11.01 -4.83
CA PHE B 68 3.61 10.36 -6.06
C PHE B 68 3.11 8.93 -6.07
N LEU B 69 3.20 8.29 -7.23
CA LEU B 69 2.69 6.94 -7.46
C LEU B 69 3.81 6.00 -7.88
N VAL B 70 3.78 4.80 -7.34
CA VAL B 70 4.74 3.76 -7.71
C VAL B 70 3.96 2.68 -8.45
N ILE B 71 4.29 2.45 -9.71
CA ILE B 71 3.50 1.48 -10.48
C ILE B 71 4.38 0.44 -11.16
N PRO B 72 3.92 -0.81 -11.20
CA PRO B 72 4.68 -1.81 -11.94
C PRO B 72 4.54 -1.61 -13.45
N LYS B 73 5.56 -2.02 -14.21
CA LYS B 73 5.45 -2.01 -15.66
C LYS B 73 4.56 -3.18 -16.12
N LYS B 74 4.57 -4.29 -15.39
CA LYS B 74 3.62 -5.38 -15.63
C LYS B 74 2.22 -4.91 -15.27
N PRO B 75 1.27 -5.00 -16.22
CA PRO B 75 -0.03 -4.34 -15.98
C PRO B 75 -1.05 -5.16 -15.18
N ILE B 76 -0.70 -5.50 -13.95
CA ILE B 76 -1.69 -5.96 -12.97
C ILE B 76 -2.75 -4.85 -12.76
N PRO B 77 -4.05 -5.14 -13.02
CA PRO B 77 -5.07 -4.08 -12.93
C PRO B 77 -5.38 -3.65 -11.49
N ARG B 78 -5.29 -4.57 -10.54
CA ARG B 78 -5.61 -4.27 -9.16
C ARG B 78 -4.94 -5.29 -8.23
N ILE B 79 -4.77 -4.94 -6.95
CA ILE B 79 -4.02 -5.77 -6.02
C ILE B 79 -4.71 -7.12 -5.78
N SER B 80 -6.04 -7.13 -5.87
CA SER B 80 -6.81 -8.36 -5.70
C SER B 80 -6.53 -9.35 -6.80
N GLN B 81 -5.92 -8.89 -7.90
CA GLN B 81 -5.60 -9.76 -9.05
C GLN B 81 -4.10 -10.07 -9.18
N ALA B 82 -3.32 -9.71 -8.18
CA ALA B 82 -1.93 -10.17 -8.10
C ALA B 82 -1.88 -11.65 -7.70
N GLU B 83 -0.84 -12.33 -8.14
CA GLU B 83 -0.68 -13.76 -7.88
C GLU B 83 0.63 -14.03 -7.18
N GLU B 84 0.86 -15.26 -6.74
CA GLU B 84 2.07 -15.58 -5.98
C GLU B 84 3.33 -15.32 -6.80
N GLU B 85 3.25 -15.44 -8.12
CA GLU B 85 4.41 -15.14 -8.96
C GLU B 85 4.78 -13.65 -8.88
N ASP B 86 3.88 -12.83 -8.37
CA ASP B 86 4.14 -11.39 -8.27
C ASP B 86 4.76 -10.98 -6.94
N GLN B 87 5.12 -11.95 -6.11
CA GLN B 87 5.64 -11.67 -4.78
C GLN B 87 6.91 -10.84 -4.77
N GLN B 88 7.87 -11.17 -5.63
CA GLN B 88 9.09 -10.38 -5.72
C GLN B 88 8.83 -8.94 -6.21
N LEU B 89 8.00 -8.81 -7.23
CA LEU B 89 7.64 -7.48 -7.77
C LEU B 89 6.96 -6.57 -6.73
N LEU B 90 5.99 -7.13 -6.00
CA LEU B 90 5.30 -6.42 -4.93
C LEU B 90 6.25 -5.89 -3.86
N GLY B 91 7.16 -6.74 -3.37
CA GLY B 91 8.17 -6.29 -2.42
C GLY B 91 9.06 -5.20 -2.99
N HIS B 92 9.41 -5.33 -4.26
CA HIS B 92 10.20 -4.32 -4.96
C HIS B 92 9.46 -2.98 -5.04
N LEU B 93 8.16 -3.00 -5.33
CA LEU B 93 7.38 -1.77 -5.37
C LEU B 93 7.38 -1.05 -4.02
N LEU B 94 7.29 -1.81 -2.94
CA LEU B 94 7.33 -1.23 -1.59
C LEU B 94 8.70 -0.65 -1.24
N LEU B 95 9.77 -1.34 -1.65
CA LEU B 95 11.12 -0.83 -1.35
C LEU B 95 11.39 0.45 -2.16
N VAL B 96 10.91 0.47 -3.40
CA VAL B 96 11.03 1.65 -4.25
C VAL B 96 10.19 2.83 -3.69
N ALA B 97 9.02 2.53 -3.12
CA ALA B 97 8.23 3.57 -2.45
C ALA B 97 9.02 4.21 -1.32
N LYS B 98 9.58 3.36 -0.47
CA LYS B 98 10.34 3.81 0.72
C LYS B 98 11.62 4.60 0.37
N GLN B 99 12.33 4.17 -0.66
CA GLN B 99 13.54 4.87 -1.12
C GLN B 99 13.19 6.25 -1.67
N THR B 100 12.15 6.31 -2.48
CA THR B 100 11.72 7.58 -3.09
C THR B 100 11.17 8.54 -2.05
N ALA B 101 10.49 8.00 -1.03
CA ALA B 101 10.04 8.80 0.10
C ALA B 101 11.24 9.50 0.76
N LYS B 102 12.28 8.71 1.03
CA LYS B 102 13.52 9.24 1.59
C LYS B 102 14.09 10.35 0.69
N ALA B 103 14.18 10.09 -0.61
CA ALA B 103 14.71 11.07 -1.55
C ALA B 103 13.83 12.33 -1.65
N GLU B 104 12.54 12.20 -1.39
CA GLU B 104 11.62 13.35 -1.41
C GLU B 104 11.58 14.11 -0.07
N GLY B 105 12.37 13.65 0.90
CA GLY B 105 12.47 14.34 2.18
C GLY B 105 11.33 14.10 3.15
N LEU B 106 10.74 12.90 3.10
CA LEU B 106 9.61 12.55 3.96
C LEU B 106 10.05 11.90 5.26
N GLY B 107 11.18 12.36 5.81
CA GLY B 107 11.75 11.75 7.01
C GLY B 107 10.89 11.89 8.28
N ASP B 108 9.99 12.86 8.29
CA ASP B 108 9.10 13.03 9.43
C ASP B 108 7.86 12.13 9.32
N GLY B 109 7.76 11.42 8.21
CA GLY B 109 6.72 10.42 8.04
C GLY B 109 5.90 10.55 6.78
N TYR B 110 5.10 9.52 6.50
CA TYR B 110 4.27 9.49 5.30
C TYR B 110 3.29 8.32 5.35
N ARG B 111 2.42 8.24 4.34
CA ARG B 111 1.45 7.15 4.23
C ARG B 111 1.51 6.49 2.85
N LEU B 112 1.44 5.16 2.85
CA LEU B 112 1.33 4.37 1.62
C LEU B 112 -0.09 3.85 1.49
N VAL B 113 -0.69 4.00 0.32
CA VAL B 113 -2.08 3.62 0.12
C VAL B 113 -2.26 2.84 -1.17
N ILE B 114 -2.99 1.74 -1.09
CA ILE B 114 -3.39 0.98 -2.27
C ILE B 114 -4.91 0.82 -2.25
N ASN B 115 -5.57 1.28 -3.32
CA ASN B 115 -7.01 1.19 -3.48
C ASN B 115 -7.38 0.03 -4.40
N ASP B 116 -8.33 -0.80 -3.95
CA ASP B 116 -8.85 -1.90 -4.75
C ASP B 116 -10.34 -1.73 -4.97
N GLY B 117 -10.80 -1.72 -6.22
CA GLY B 117 -12.21 -1.75 -6.52
C GLY B 117 -13.03 -0.53 -6.14
N LYS B 118 -14.35 -0.64 -6.30
CA LYS B 118 -15.23 0.51 -6.07
C LYS B 118 -15.19 1.01 -4.64
N LEU B 119 -15.27 0.11 -3.67
CA LEU B 119 -15.37 0.54 -2.28
C LEU B 119 -14.02 1.06 -1.78
N GLY B 120 -12.93 0.58 -2.39
CA GLY B 120 -11.61 1.11 -2.08
C GLY B 120 -11.37 2.47 -2.71
N ALA B 121 -12.34 2.91 -3.54
CA ALA B 121 -12.25 4.14 -4.35
C ALA B 121 -11.20 4.08 -5.47
N GLN B 122 -10.89 2.87 -5.94
CA GLN B 122 -9.96 2.74 -7.08
C GLN B 122 -10.60 3.34 -8.33
N SER B 123 -9.82 4.08 -9.12
CA SER B 123 -10.38 4.70 -10.31
C SER B 123 -9.50 4.43 -11.54
N VAL B 124 -8.19 4.28 -11.34
CA VAL B 124 -7.34 3.84 -12.43
C VAL B 124 -6.98 2.37 -12.23
N TYR B 125 -7.40 1.53 -13.17
CA TYR B 125 -7.30 0.08 -13.02
C TYR B 125 -5.96 -0.44 -13.57
N HIS B 126 -4.92 0.04 -12.91
CA HIS B 126 -3.54 -0.38 -13.09
C HIS B 126 -2.98 -0.24 -11.66
N LEU B 127 -2.44 -1.34 -11.12
CA LEU B 127 -1.93 -1.38 -9.76
C LEU B 127 -0.95 -0.24 -9.47
N HIS B 128 -1.07 0.39 -8.31
CA HIS B 128 -0.17 1.48 -7.95
C HIS B 128 -0.25 1.78 -6.46
N ILE B 129 0.87 2.22 -5.92
CA ILE B 129 0.97 2.63 -4.54
C ILE B 129 1.02 4.15 -4.50
N HIS B 130 0.09 4.76 -3.76
CA HIS B 130 0.18 6.19 -3.43
C HIS B 130 1.19 6.38 -2.31
N VAL B 131 2.05 7.38 -2.45
CA VAL B 131 2.91 7.78 -1.35
C VAL B 131 2.55 9.24 -1.05
N LEU B 132 2.09 9.50 0.17
CA LEU B 132 1.69 10.86 0.57
C LEU B 132 2.49 11.34 1.77
N GLY B 133 3.03 12.56 1.69
CA GLY B 133 3.76 13.14 2.81
C GLY B 133 3.86 14.66 2.78
N GLY B 134 4.55 15.23 3.77
CA GLY B 134 4.71 16.68 3.85
C GLY B 134 3.64 17.43 4.64
N ARG B 135 2.66 16.70 5.17
CA ARG B 135 1.64 17.27 6.05
C ARG B 135 1.20 16.16 7.00
N GLN B 136 0.53 16.51 8.09
CA GLN B 136 0.03 15.52 9.00
C GLN B 136 -1.12 14.77 8.33
N LEU B 137 -1.01 13.45 8.22
CA LEU B 137 -2.13 12.68 7.65
C LEU B 137 -3.10 12.35 8.79
N GLN B 138 -4.40 12.33 8.52
CA GLN B 138 -5.41 12.17 9.57
C GLN B 138 -5.81 10.69 9.71
N TRP B 139 -6.63 10.41 10.72
CA TRP B 139 -7.15 9.06 10.95
C TRP B 139 -8.64 9.19 11.27
N PRO B 140 -9.49 8.36 10.63
CA PRO B 140 -9.23 7.22 9.74
C PRO B 140 -8.60 7.60 8.38
N PRO B 141 -8.11 6.60 7.62
CA PRO B 141 -7.53 6.97 6.32
C PRO B 141 -8.57 7.03 5.19
N GLY B 142 -9.53 7.95 5.31
CA GLY B 142 -10.70 7.96 4.44
C GLY B 142 -11.73 6.95 4.92
#